data_216D
# 
_entry.id   216D 
# 
_audit_conform.dict_name       mmcif_pdbx.dic 
_audit_conform.dict_version    5.387 
_audit_conform.dict_location   http://mmcif.pdb.org/dictionaries/ascii/mmcif_pdbx.dic 
# 
loop_
_database_2.database_id 
_database_2.database_code 
_database_2.pdbx_database_accession 
_database_2.pdbx_DOI 
PDB   216D         pdb_0000216d 10.2210/pdb216d/pdb 
RCSB  GHHB34       ?            ?                   
WWPDB D_1000177579 ?            ?                   
# 
loop_
_pdbx_audit_revision_history.ordinal 
_pdbx_audit_revision_history.data_content_type 
_pdbx_audit_revision_history.major_revision 
_pdbx_audit_revision_history.minor_revision 
_pdbx_audit_revision_history.revision_date 
1 'Structure model' 1 0 1996-01-29 
2 'Structure model' 1 1 2008-05-22 
3 'Structure model' 1 2 2011-07-13 
4 'Structure model' 1 3 2024-02-14 
# 
_pdbx_audit_revision_details.ordinal             1 
_pdbx_audit_revision_details.revision_ordinal    1 
_pdbx_audit_revision_details.data_content_type   'Structure model' 
_pdbx_audit_revision_details.provider            repository 
_pdbx_audit_revision_details.type                'Initial release' 
_pdbx_audit_revision_details.description         ? 
_pdbx_audit_revision_details.details             ? 
# 
loop_
_pdbx_audit_revision_group.ordinal 
_pdbx_audit_revision_group.revision_ordinal 
_pdbx_audit_revision_group.data_content_type 
_pdbx_audit_revision_group.group 
1 2 'Structure model' 'Version format compliance' 
2 3 'Structure model' 'Version format compliance' 
3 4 'Structure model' 'Data collection'           
4 4 'Structure model' 'Database references'       
5 4 'Structure model' 'Derived calculations'      
# 
loop_
_pdbx_audit_revision_category.ordinal 
_pdbx_audit_revision_category.revision_ordinal 
_pdbx_audit_revision_category.data_content_type 
_pdbx_audit_revision_category.category 
1 4 'Structure model' chem_comp_atom         
2 4 'Structure model' chem_comp_bond         
3 4 'Structure model' database_2             
4 4 'Structure model' pdbx_struct_conn_angle 
5 4 'Structure model' struct_conn            
6 4 'Structure model' struct_site            
# 
loop_
_pdbx_audit_revision_item.ordinal 
_pdbx_audit_revision_item.revision_ordinal 
_pdbx_audit_revision_item.data_content_type 
_pdbx_audit_revision_item.item 
1  4 'Structure model' '_database_2.pdbx_DOI'                      
2  4 'Structure model' '_database_2.pdbx_database_accession'       
3  4 'Structure model' '_pdbx_struct_conn_angle.ptnr1_auth_seq_id' 
4  4 'Structure model' '_pdbx_struct_conn_angle.ptnr3_auth_seq_id' 
5  4 'Structure model' '_pdbx_struct_conn_angle.value'             
6  4 'Structure model' '_struct_conn.pdbx_dist_value'              
7  4 'Structure model' '_struct_conn.ptnr2_auth_seq_id'            
8  4 'Structure model' '_struct_site.pdbx_auth_asym_id'            
9  4 'Structure model' '_struct_site.pdbx_auth_comp_id'            
10 4 'Structure model' '_struct_site.pdbx_auth_seq_id'             
# 
_pdbx_database_status.status_code                     REL 
_pdbx_database_status.entry_id                        216D 
_pdbx_database_status.recvd_initial_deposition_date   1995-07-18 
_pdbx_database_status.deposit_site                    BNL 
_pdbx_database_status.process_site                    NDB 
_pdbx_database_status.status_code_sf                  REL 
_pdbx_database_status.status_code_mr                  ? 
_pdbx_database_status.SG_entry                        ? 
_pdbx_database_status.pdb_format_compatible           Y 
_pdbx_database_status.status_code_cs                  ? 
_pdbx_database_status.status_code_nmr_data            ? 
_pdbx_database_status.methods_development_category    ? 
# 
loop_
_audit_author.name 
_audit_author.pdbx_ordinal 
'Chen, X.'          1 
'Ramakrishnan, B.'  2 
'Sundaralingam, M.' 3 
# 
_citation.id                        primary 
_citation.title                     'Crystal structures of B-form DNA-RNA chimers complexed with distamycin.' 
_citation.journal_abbrev            Nat.Struct.Biol. 
_citation.journal_volume            2 
_citation.page_first                733 
_citation.page_last                 735 
_citation.year                      1995 
_citation.journal_id_ASTM           NSBIEW 
_citation.country                   US 
_citation.journal_id_ISSN           1072-8368 
_citation.journal_id_CSD            2024 
_citation.book_publisher            ? 
_citation.pdbx_database_id_PubMed   7552741 
_citation.pdbx_database_id_DOI      10.1038/nsb0995-733 
# 
loop_
_citation_author.citation_id 
_citation_author.name 
_citation_author.ordinal 
_citation_author.identifier_ORCID 
primary 'Chen, X.'          1 ? 
primary 'Ramakrishnan, B.'  2 ? 
primary 'Sundaralingam, M.' 3 ? 
# 
loop_
_entity.id 
_entity.type 
_entity.src_method 
_entity.pdbx_description 
_entity.formula_weight 
_entity.pdbx_number_of_molecules 
_entity.pdbx_ec 
_entity.pdbx_mutation 
_entity.pdbx_fragment 
_entity.details 
1 polymer     syn 
;DNA/RNA (5'-D(*IP*)-R(*CP*)-D(*IP*CP*IP*CP*IP*C)-3')
;
2384.537 1  ? ? ? ? 
2 non-polymer syn 'DISTAMYCIN A'                                         481.508  1  ? ? ? ? 
3 non-polymer syn 'MAGNESIUM ION'                                        24.305   1  ? ? ? ? 
4 water       nat water                                                  18.015   43 ? ? ? ? 
# 
_entity_poly.entity_id                      1 
_entity_poly.type                           'polydeoxyribonucleotide/polyribonucleotide hybrid' 
_entity_poly.nstd_linkage                   no 
_entity_poly.nstd_monomer                   no 
_entity_poly.pdbx_seq_one_letter_code       '(DI)C(DI)(DC)(DI)(DC)(DI)(DC)' 
_entity_poly.pdbx_seq_one_letter_code_can   ICICICIC 
_entity_poly.pdbx_strand_id                 A 
_entity_poly.pdbx_target_identifier         ? 
# 
loop_
_pdbx_entity_nonpoly.entity_id 
_pdbx_entity_nonpoly.name 
_pdbx_entity_nonpoly.comp_id 
2 'DISTAMYCIN A'  DMY 
3 'MAGNESIUM ION' MG  
4 water           HOH 
# 
loop_
_entity_poly_seq.entity_id 
_entity_poly_seq.num 
_entity_poly_seq.mon_id 
_entity_poly_seq.hetero 
1 1 DI n 
1 2 C  n 
1 3 DI n 
1 4 DC n 
1 5 DI n 
1 6 DC n 
1 7 DI n 
1 8 DC n 
# 
loop_
_chem_comp.id 
_chem_comp.type 
_chem_comp.mon_nstd_flag 
_chem_comp.name 
_chem_comp.pdbx_synonyms 
_chem_comp.formula 
_chem_comp.formula_weight 
C   'RNA linking' y "CYTIDINE-5'-MONOPHOSPHATE"         ?                         'C9 H14 N3 O8 P'  323.197 
DC  'DNA linking' y "2'-DEOXYCYTIDINE-5'-MONOPHOSPHATE" ?                         'C9 H14 N3 O7 P'  307.197 
DI  'DNA linking' y "2'-DEOXYINOSINE-5'-MONOPHOSPHATE"  ?                         'C10 H13 N4 O7 P' 332.207 
DMY non-polymer   . 'DISTAMYCIN A'                      'DISTAMYCIN; STALLIMYCIN' 'C22 H27 N9 O4'   481.508 
HOH non-polymer   . WATER                               ?                         'H2 O'            18.015  
MG  non-polymer   . 'MAGNESIUM ION'                     ?                         'Mg 2'            24.305  
# 
loop_
_pdbx_poly_seq_scheme.asym_id 
_pdbx_poly_seq_scheme.entity_id 
_pdbx_poly_seq_scheme.seq_id 
_pdbx_poly_seq_scheme.mon_id 
_pdbx_poly_seq_scheme.ndb_seq_num 
_pdbx_poly_seq_scheme.pdb_seq_num 
_pdbx_poly_seq_scheme.auth_seq_num 
_pdbx_poly_seq_scheme.pdb_mon_id 
_pdbx_poly_seq_scheme.auth_mon_id 
_pdbx_poly_seq_scheme.pdb_strand_id 
_pdbx_poly_seq_scheme.pdb_ins_code 
_pdbx_poly_seq_scheme.hetero 
A 1 1 DI 1 1 1 DI I A . n 
A 1 2 C  2 2 2 C  C A . n 
A 1 3 DI 3 3 3 DI I A . n 
A 1 4 DC 4 4 4 DC C A . n 
A 1 5 DI 5 5 5 DI I A . n 
A 1 6 DC 6 6 6 DC C A . n 
A 1 7 DI 7 7 7 DI I A . n 
A 1 8 DC 8 8 8 DC C A . n 
# 
loop_
_pdbx_nonpoly_scheme.asym_id 
_pdbx_nonpoly_scheme.entity_id 
_pdbx_nonpoly_scheme.mon_id 
_pdbx_nonpoly_scheme.ndb_seq_num 
_pdbx_nonpoly_scheme.pdb_seq_num 
_pdbx_nonpoly_scheme.auth_seq_num 
_pdbx_nonpoly_scheme.pdb_mon_id 
_pdbx_nonpoly_scheme.auth_mon_id 
_pdbx_nonpoly_scheme.pdb_strand_id 
_pdbx_nonpoly_scheme.pdb_ins_code 
B 2 DMY 1  9  9  DMY DMY A . 
C 3 MG  1  10 10 MG  MG  A . 
D 4 HOH 1  11 11 HOH HOH A . 
D 4 HOH 2  12 12 HOH HOH A . 
D 4 HOH 3  13 13 HOH HOH A . 
D 4 HOH 4  14 14 HOH HOH A . 
D 4 HOH 5  15 15 HOH HOH A . 
D 4 HOH 6  16 16 HOH HOH A . 
D 4 HOH 7  17 17 HOH HOH A . 
D 4 HOH 8  18 18 HOH HOH A . 
D 4 HOH 9  19 19 HOH HOH A . 
D 4 HOH 10 20 20 HOH HOH A . 
D 4 HOH 11 21 21 HOH HOH A . 
D 4 HOH 12 22 22 HOH HOH A . 
D 4 HOH 13 23 23 HOH HOH A . 
D 4 HOH 14 24 24 HOH HOH A . 
D 4 HOH 15 25 25 HOH HOH A . 
D 4 HOH 16 26 26 HOH HOH A . 
D 4 HOH 17 27 27 HOH HOH A . 
D 4 HOH 18 28 28 HOH HOH A . 
D 4 HOH 19 29 29 HOH HOH A . 
D 4 HOH 20 30 30 HOH HOH A . 
D 4 HOH 21 31 31 HOH HOH A . 
D 4 HOH 22 32 32 HOH HOH A . 
D 4 HOH 23 33 33 HOH HOH A . 
D 4 HOH 24 34 34 HOH HOH A . 
D 4 HOH 25 35 35 HOH HOH A . 
D 4 HOH 26 36 36 HOH HOH A . 
D 4 HOH 27 37 37 HOH HOH A . 
D 4 HOH 28 38 38 HOH HOH A . 
D 4 HOH 29 39 39 HOH HOH A . 
D 4 HOH 30 40 40 HOH HOH A . 
D 4 HOH 31 41 41 HOH HOH A . 
D 4 HOH 32 42 42 HOH HOH A . 
D 4 HOH 33 43 43 HOH HOH A . 
D 4 HOH 34 44 44 HOH HOH A . 
D 4 HOH 35 45 45 HOH HOH A . 
D 4 HOH 36 46 46 HOH HOH A . 
D 4 HOH 37 47 47 HOH HOH A . 
D 4 HOH 38 48 48 HOH HOH A . 
D 4 HOH 39 49 49 HOH HOH A . 
D 4 HOH 40 50 50 HOH HOH A . 
D 4 HOH 41 51 51 HOH HOH A . 
D 4 HOH 42 52 52 HOH HOH A . 
D 4 HOH 43 53 53 HOH HOH A . 
# 
_software.name             X-PLOR 
_software.classification   refinement 
_software.version          . 
_software.citation_id      ? 
_software.pdbx_ordinal     1 
# 
_cell.entry_id           216D 
_cell.length_a           27.920 
_cell.length_b           27.920 
_cell.length_c           57.700 
_cell.angle_alpha        90.00 
_cell.angle_beta         90.00 
_cell.angle_gamma        90.00 
_cell.Z_PDB              8 
_cell.pdbx_unique_axis   ? 
# 
_symmetry.entry_id                         216D 
_symmetry.space_group_name_H-M             'P 41 2 2' 
_symmetry.pdbx_full_space_group_name_H-M   ? 
_symmetry.cell_setting                     ? 
_symmetry.Int_Tables_number                91 
# 
_exptl.entry_id          216D 
_exptl.method            'X-RAY DIFFRACTION' 
_exptl.crystals_number   ? 
# 
_exptl_crystal.id                    1 
_exptl_crystal.density_meas          ? 
_exptl_crystal.density_percent_sol   45.38 
_exptl_crystal.density_Matthews      2.25 
_exptl_crystal.description           ? 
# 
_exptl_crystal_grow.crystal_id      1 
_exptl_crystal_grow.method          'VAPOR DIFFUSION, HANGING DROP' 
_exptl_crystal_grow.temp            ? 
_exptl_crystal_grow.temp_details    'ROOM TEMPERATURE' 
_exptl_crystal_grow.pH              7.00 
_exptl_crystal_grow.pdbx_details    'pH 7.00, VAPOR DIFFUSION, HANGING DROP' 
_exptl_crystal_grow.pdbx_pH_range   ? 
# 
loop_
_exptl_crystal_grow_comp.crystal_id 
_exptl_crystal_grow_comp.id 
_exptl_crystal_grow_comp.sol_id 
_exptl_crystal_grow_comp.name 
_exptl_crystal_grow_comp.volume 
_exptl_crystal_grow_comp.conc 
_exptl_crystal_grow_comp.details 
1 1 1 WATER           ? ? ? 
1 2 1 MPD             ? ? ? 
1 3 1 'NA CACODYLATE' ? ? ? 
1 4 1 MGCL2           ? ? ? 
1 5 2 WATER           ? ? ? 
1 6 2 MPD             ? ? ? 
# 
_diffrn.id                     1 
_diffrn.ambient_temp           ? 
_diffrn.ambient_temp_details   ? 
_diffrn.crystal_id             1 
# 
_diffrn_detector.diffrn_id              1 
_diffrn_detector.detector               'AREA DETECTOR' 
_diffrn_detector.type                   SIEMENS 
_diffrn_detector.pdbx_collection_date   ? 
_diffrn_detector.details                ? 
# 
_diffrn_radiation.diffrn_id                        1 
_diffrn_radiation.wavelength_id                    1 
_diffrn_radiation.pdbx_monochromatic_or_laue_m_l   M 
_diffrn_radiation.monochromator                    ? 
_diffrn_radiation.pdbx_diffrn_protocol             'SINGLE WAVELENGTH' 
_diffrn_radiation.pdbx_scattering_type             x-ray 
# 
_diffrn_radiation_wavelength.id           1 
_diffrn_radiation_wavelength.wavelength   . 
_diffrn_radiation_wavelength.wt           1.0 
# 
_diffrn_source.diffrn_id                   1 
_diffrn_source.source                      'ROTATING ANODE' 
_diffrn_source.type                        ? 
_diffrn_source.pdbx_synchrotron_site       ? 
_diffrn_source.pdbx_synchrotron_beamline   ? 
_diffrn_source.pdbx_wavelength             ? 
_diffrn_source.pdbx_wavelength_list        ? 
# 
_reflns.entry_id                     216D 
_reflns.observed_criterion_sigma_I   ? 
_reflns.observed_criterion_sigma_F   2.000 
_reflns.d_resolution_low             ? 
_reflns.d_resolution_high            1.730 
_reflns.number_obs                   2556 
_reflns.number_all                   10170 
_reflns.percent_possible_obs         ? 
_reflns.pdbx_Rmerge_I_obs            ? 
_reflns.pdbx_Rsym_value              ? 
_reflns.pdbx_netI_over_sigmaI        ? 
_reflns.B_iso_Wilson_estimate        ? 
_reflns.pdbx_redundancy              ? 
_reflns.R_free_details               ? 
_reflns.pdbx_diffrn_id               1 
_reflns.pdbx_ordinal                 1 
# 
_refine.entry_id                                 216D 
_refine.ls_number_reflns_obs                     2219 
_refine.ls_number_reflns_all                     ? 
_refine.pdbx_ls_sigma_I                          ? 
_refine.pdbx_ls_sigma_F                          2.000 
_refine.pdbx_data_cutoff_high_absF               ? 
_refine.pdbx_data_cutoff_low_absF                ? 
_refine.pdbx_data_cutoff_high_rms_absF           ? 
_refine.ls_d_res_low                             8.000 
_refine.ls_d_res_high                            1.730 
_refine.ls_percent_reflns_obs                    95.000 
_refine.ls_R_factor_obs                          0.1520000 
_refine.ls_R_factor_all                          ? 
_refine.ls_R_factor_R_work                       0.1520000 
_refine.ls_R_factor_R_free                       ? 
_refine.ls_R_factor_R_free_error                 ? 
_refine.ls_R_factor_R_free_error_details         ? 
_refine.ls_percent_reflns_R_free                 ? 
_refine.ls_number_reflns_R_free                  ? 
_refine.ls_number_parameters                     ? 
_refine.ls_number_restraints                     ? 
_refine.occupancy_min                            ? 
_refine.occupancy_max                            ? 
_refine.B_iso_mean                               ? 
_refine.aniso_B[1][1]                            ? 
_refine.aniso_B[2][2]                            ? 
_refine.aniso_B[3][3]                            ? 
_refine.aniso_B[1][2]                            ? 
_refine.aniso_B[1][3]                            ? 
_refine.aniso_B[2][3]                            ? 
_refine.solvent_model_details                    ? 
_refine.solvent_model_param_ksol                 ? 
_refine.solvent_model_param_bsol                 ? 
_refine.pdbx_ls_cross_valid_method               ? 
_refine.details                                  ? 
_refine.pdbx_starting_model                      ? 
_refine.pdbx_method_to_determine_struct          ? 
_refine.pdbx_isotropic_thermal_model             ? 
_refine.pdbx_stereochemistry_target_values       ? 
_refine.pdbx_stereochem_target_val_spec_case     ? 
_refine.pdbx_R_Free_selection_details            ? 
_refine.pdbx_overall_ESU_R                       ? 
_refine.pdbx_overall_ESU_R_Free                  ? 
_refine.overall_SU_ML                            ? 
_refine.overall_SU_B                             ? 
_refine.ls_redundancy_reflns_obs                 ? 
_refine.correlation_coeff_Fo_to_Fc               ? 
_refine.correlation_coeff_Fo_to_Fc_free          ? 
_refine.overall_SU_R_Cruickshank_DPI             ? 
_refine.overall_SU_R_free                        ? 
_refine.pdbx_refine_id                           'X-RAY DIFFRACTION' 
_refine.pdbx_diffrn_id                           1 
_refine.pdbx_TLS_residual_ADP_flag               ? 
_refine.pdbx_solvent_vdw_probe_radii             ? 
_refine.pdbx_solvent_ion_probe_radii             ? 
_refine.pdbx_solvent_shrinkage_radii             ? 
_refine.pdbx_overall_phase_error                 ? 
_refine.pdbx_overall_SU_R_free_Cruickshank_DPI   ? 
_refine.pdbx_overall_SU_R_Blow_DPI               ? 
_refine.pdbx_overall_SU_R_free_Blow_DPI          ? 
# 
_refine_hist.pdbx_refine_id                   'X-RAY DIFFRACTION' 
_refine_hist.cycle_id                         LAST 
_refine_hist.pdbx_number_atoms_protein        0 
_refine_hist.pdbx_number_atoms_nucleic_acid   158 
_refine_hist.pdbx_number_atoms_ligand         36 
_refine_hist.number_atoms_solvent             43 
_refine_hist.number_atoms_total               237 
_refine_hist.d_res_high                       1.730 
_refine_hist.d_res_low                        8.000 
# 
loop_
_refine_ls_restr.type 
_refine_ls_restr.dev_ideal 
_refine_ls_restr.dev_ideal_target 
_refine_ls_restr.weight 
_refine_ls_restr.number 
_refine_ls_restr.pdbx_refine_id 
_refine_ls_restr.pdbx_restraint_function 
x_bond_d                0.011 ? ? ? 'X-RAY DIFFRACTION' ? 
x_bond_d_na             ?     ? ? ? 'X-RAY DIFFRACTION' ? 
x_bond_d_prot           ?     ? ? ? 'X-RAY DIFFRACTION' ? 
x_angle_d               ?     ? ? ? 'X-RAY DIFFRACTION' ? 
x_angle_d_na            ?     ? ? ? 'X-RAY DIFFRACTION' ? 
x_angle_d_prot          ?     ? ? ? 'X-RAY DIFFRACTION' ? 
x_angle_deg             3.70  ? ? ? 'X-RAY DIFFRACTION' ? 
x_angle_deg_na          ?     ? ? ? 'X-RAY DIFFRACTION' ? 
x_angle_deg_prot        ?     ? ? ? 'X-RAY DIFFRACTION' ? 
x_dihedral_angle_d      ?     ? ? ? 'X-RAY DIFFRACTION' ? 
x_dihedral_angle_d_na   ?     ? ? ? 'X-RAY DIFFRACTION' ? 
x_dihedral_angle_d_prot ?     ? ? ? 'X-RAY DIFFRACTION' ? 
x_improper_angle_d      ?     ? ? ? 'X-RAY DIFFRACTION' ? 
x_improper_angle_d_na   ?     ? ? ? 'X-RAY DIFFRACTION' ? 
x_improper_angle_d_prot ?     ? ? ? 'X-RAY DIFFRACTION' ? 
x_mcbond_it             ?     ? ? ? 'X-RAY DIFFRACTION' ? 
x_mcangle_it            ?     ? ? ? 'X-RAY DIFFRACTION' ? 
x_scbond_it             ?     ? ? ? 'X-RAY DIFFRACTION' ? 
x_scangle_it            ?     ? ? ? 'X-RAY DIFFRACTION' ? 
# 
_struct.entry_id                  216D 
_struct.title                     
;CRYSTAL STRUCTURES OF THE B-FORM DNA-RNA CHIMER (5'-D(*IP*)-R(*CP*)-D(*IP*CP*IP*CP*IP*C)-3') COMPLEXED WITH DISTAMYCIN
;
_struct.pdbx_model_details        ? 
_struct.pdbx_CASP_flag            ? 
_struct.pdbx_model_type_details   ? 
# 
_struct_keywords.entry_id        216D 
_struct_keywords.pdbx_keywords   'DNA-RNA HYBRID' 
_struct_keywords.text            'B-DNA/RNA, DOUBLE HELIX, COMPLEXED WITH DRUG, MODIFIED, DNA-RNA HYBRID' 
# 
loop_
_struct_asym.id 
_struct_asym.pdbx_blank_PDB_chainid_flag 
_struct_asym.pdbx_modified 
_struct_asym.entity_id 
_struct_asym.details 
A N N 1 ? 
B N N 2 ? 
C N N 3 ? 
D N N 4 ? 
# 
_struct_ref.id                         1 
_struct_ref.entity_id                  1 
_struct_ref.db_name                    PDB 
_struct_ref.db_code                    216D 
_struct_ref.pdbx_db_accession          216D 
_struct_ref.pdbx_db_isoform            ? 
_struct_ref.pdbx_seq_one_letter_code   ? 
_struct_ref.pdbx_align_begin           ? 
# 
_struct_ref_seq.align_id                      1 
_struct_ref_seq.ref_id                        1 
_struct_ref_seq.pdbx_PDB_id_code              216D 
_struct_ref_seq.pdbx_strand_id                A 
_struct_ref_seq.seq_align_beg                 1 
_struct_ref_seq.pdbx_seq_align_beg_ins_code   ? 
_struct_ref_seq.seq_align_end                 8 
_struct_ref_seq.pdbx_seq_align_end_ins_code   ? 
_struct_ref_seq.pdbx_db_accession             216D 
_struct_ref_seq.db_align_beg                  1 
_struct_ref_seq.pdbx_db_align_beg_ins_code    ? 
_struct_ref_seq.db_align_end                  8 
_struct_ref_seq.pdbx_db_align_end_ins_code    ? 
_struct_ref_seq.pdbx_auth_seq_align_beg       1 
_struct_ref_seq.pdbx_auth_seq_align_end       8 
# 
_pdbx_struct_assembly.id                   1 
_pdbx_struct_assembly.details              author_defined_assembly 
_pdbx_struct_assembly.method_details       ? 
_pdbx_struct_assembly.oligomeric_details   dimeric 
_pdbx_struct_assembly.oligomeric_count     2 
# 
_pdbx_struct_assembly_gen.assembly_id       1 
_pdbx_struct_assembly_gen.oper_expression   1,2 
_pdbx_struct_assembly_gen.asym_id_list      A,B,C,D 
# 
loop_
_pdbx_struct_oper_list.id 
_pdbx_struct_oper_list.type 
_pdbx_struct_oper_list.name 
_pdbx_struct_oper_list.symmetry_operation 
_pdbx_struct_oper_list.matrix[1][1] 
_pdbx_struct_oper_list.matrix[1][2] 
_pdbx_struct_oper_list.matrix[1][3] 
_pdbx_struct_oper_list.vector[1] 
_pdbx_struct_oper_list.matrix[2][1] 
_pdbx_struct_oper_list.matrix[2][2] 
_pdbx_struct_oper_list.matrix[2][3] 
_pdbx_struct_oper_list.vector[2] 
_pdbx_struct_oper_list.matrix[3][1] 
_pdbx_struct_oper_list.matrix[3][2] 
_pdbx_struct_oper_list.matrix[3][3] 
_pdbx_struct_oper_list.vector[3] 
1 'identity operation'         1_555 x,y,z       1.0000000000 0.0000000000 0.0000000000 0.0000000000 0.0000000000 1.0000000000  0.0000000000 0.0000000000 0.0000000000 0.0000000000 1.0000000000  0.0000000000  
2 'crystal symmetry operation' 6_555 x,-y,-z+1/2 0.2028413162 0.7395615437 0.6417975721 0.8554137741 0.7395615437 -0.5452839294 0.3946063348 0.9134215672 0.6417975721 0.3946063348 -0.6575573868 -2.6557571549 
# 
_struct_biol.id                    1 
_struct_biol.pdbx_parent_biol_id   ? 
_struct_biol.details               ? 
# 
loop_
_struct_conn.id 
_struct_conn.conn_type_id 
_struct_conn.pdbx_leaving_atom_flag 
_struct_conn.pdbx_PDB_id 
_struct_conn.ptnr1_label_asym_id 
_struct_conn.ptnr1_label_comp_id 
_struct_conn.ptnr1_label_seq_id 
_struct_conn.ptnr1_label_atom_id 
_struct_conn.pdbx_ptnr1_label_alt_id 
_struct_conn.pdbx_ptnr1_PDB_ins_code 
_struct_conn.pdbx_ptnr1_standard_comp_id 
_struct_conn.ptnr1_symmetry 
_struct_conn.ptnr2_label_asym_id 
_struct_conn.ptnr2_label_comp_id 
_struct_conn.ptnr2_label_seq_id 
_struct_conn.ptnr2_label_atom_id 
_struct_conn.pdbx_ptnr2_label_alt_id 
_struct_conn.pdbx_ptnr2_PDB_ins_code 
_struct_conn.ptnr1_auth_asym_id 
_struct_conn.ptnr1_auth_comp_id 
_struct_conn.ptnr1_auth_seq_id 
_struct_conn.ptnr2_auth_asym_id 
_struct_conn.ptnr2_auth_comp_id 
_struct_conn.ptnr2_auth_seq_id 
_struct_conn.ptnr2_symmetry 
_struct_conn.pdbx_ptnr3_label_atom_id 
_struct_conn.pdbx_ptnr3_label_seq_id 
_struct_conn.pdbx_ptnr3_label_comp_id 
_struct_conn.pdbx_ptnr3_label_asym_id 
_struct_conn.pdbx_ptnr3_label_alt_id 
_struct_conn.pdbx_ptnr3_PDB_ins_code 
_struct_conn.details 
_struct_conn.pdbx_dist_value 
_struct_conn.pdbx_value_order 
_struct_conn.pdbx_role 
metalc1 metalc ? ? A DC 6 OP2 ? ? ? 1_555 C MG  . MG ? ? A DC 6  A MG  10 1_555 ? ? ? ? ? ? ? 2.003 ? ? 
metalc2 metalc ? ? C MG . MG  ? ? ? 1_555 D HOH . O  ? ? A MG 10 A HOH 14 1_555 ? ? ? ? ? ? ? 2.085 ? ? 
metalc3 metalc ? ? C MG . MG  ? ? ? 1_555 D HOH . O  ? ? A MG 10 A HOH 19 1_555 ? ? ? ? ? ? ? 2.161 ? ? 
metalc4 metalc ? ? C MG . MG  ? ? ? 1_555 D HOH . O  ? ? A MG 10 A HOH 23 1_555 ? ? ? ? ? ? ? 2.151 ? ? 
# 
_struct_conn_type.id          metalc 
_struct_conn_type.criteria    ? 
_struct_conn_type.reference   ? 
# 
loop_
_pdbx_struct_conn_angle.id 
_pdbx_struct_conn_angle.ptnr1_label_atom_id 
_pdbx_struct_conn_angle.ptnr1_label_alt_id 
_pdbx_struct_conn_angle.ptnr1_label_asym_id 
_pdbx_struct_conn_angle.ptnr1_label_comp_id 
_pdbx_struct_conn_angle.ptnr1_label_seq_id 
_pdbx_struct_conn_angle.ptnr1_auth_atom_id 
_pdbx_struct_conn_angle.ptnr1_auth_asym_id 
_pdbx_struct_conn_angle.ptnr1_auth_comp_id 
_pdbx_struct_conn_angle.ptnr1_auth_seq_id 
_pdbx_struct_conn_angle.ptnr1_PDB_ins_code 
_pdbx_struct_conn_angle.ptnr1_symmetry 
_pdbx_struct_conn_angle.ptnr2_label_atom_id 
_pdbx_struct_conn_angle.ptnr2_label_alt_id 
_pdbx_struct_conn_angle.ptnr2_label_asym_id 
_pdbx_struct_conn_angle.ptnr2_label_comp_id 
_pdbx_struct_conn_angle.ptnr2_label_seq_id 
_pdbx_struct_conn_angle.ptnr2_auth_atom_id 
_pdbx_struct_conn_angle.ptnr2_auth_asym_id 
_pdbx_struct_conn_angle.ptnr2_auth_comp_id 
_pdbx_struct_conn_angle.ptnr2_auth_seq_id 
_pdbx_struct_conn_angle.ptnr2_PDB_ins_code 
_pdbx_struct_conn_angle.ptnr2_symmetry 
_pdbx_struct_conn_angle.ptnr3_label_atom_id 
_pdbx_struct_conn_angle.ptnr3_label_alt_id 
_pdbx_struct_conn_angle.ptnr3_label_asym_id 
_pdbx_struct_conn_angle.ptnr3_label_comp_id 
_pdbx_struct_conn_angle.ptnr3_label_seq_id 
_pdbx_struct_conn_angle.ptnr3_auth_atom_id 
_pdbx_struct_conn_angle.ptnr3_auth_asym_id 
_pdbx_struct_conn_angle.ptnr3_auth_comp_id 
_pdbx_struct_conn_angle.ptnr3_auth_seq_id 
_pdbx_struct_conn_angle.ptnr3_PDB_ins_code 
_pdbx_struct_conn_angle.ptnr3_symmetry 
_pdbx_struct_conn_angle.value 
_pdbx_struct_conn_angle.value_esd 
1 OP2 ? A DC  6 ? A DC  6  ? 1_555 MG ? C MG . ? A MG 10 ? 1_555 O ? D HOH . ? A HOH 14 ? 1_555 92.0  ? 
2 OP2 ? A DC  6 ? A DC  6  ? 1_555 MG ? C MG . ? A MG 10 ? 1_555 O ? D HOH . ? A HOH 19 ? 1_555 87.8  ? 
3 O   ? D HOH . ? A HOH 14 ? 1_555 MG ? C MG . ? A MG 10 ? 1_555 O ? D HOH . ? A HOH 19 ? 1_555 89.6  ? 
4 OP2 ? A DC  6 ? A DC  6  ? 1_555 MG ? C MG . ? A MG 10 ? 1_555 O ? D HOH . ? A HOH 23 ? 1_555 96.3  ? 
5 O   ? D HOH . ? A HOH 14 ? 1_555 MG ? C MG . ? A MG 10 ? 1_555 O ? D HOH . ? A HOH 23 ? 1_555 171.5 ? 
6 O   ? D HOH . ? A HOH 19 ? 1_555 MG ? C MG . ? A MG 10 ? 1_555 O ? D HOH . ? A HOH 23 ? 1_555 89.0  ? 
# 
loop_
_struct_site.id 
_struct_site.pdbx_evidence_code 
_struct_site.pdbx_auth_asym_id 
_struct_site.pdbx_auth_comp_id 
_struct_site.pdbx_auth_seq_id 
_struct_site.pdbx_auth_ins_code 
_struct_site.pdbx_num_residues 
_struct_site.details 
AC1 Software A DMY 9  ? 15 'BINDING SITE FOR RESIDUE DMY A 9' 
AC2 Software A MG  10 ? 6  'BINDING SITE FOR RESIDUE MG A 10' 
1   ?        ? ?   ?  ? ?  ?                                  
# 
loop_
_struct_site_gen.id 
_struct_site_gen.site_id 
_struct_site_gen.pdbx_num_res 
_struct_site_gen.label_comp_id 
_struct_site_gen.label_asym_id 
_struct_site_gen.label_seq_id 
_struct_site_gen.pdbx_auth_ins_code 
_struct_site_gen.auth_comp_id 
_struct_site_gen.auth_asym_id 
_struct_site_gen.auth_seq_id 
_struct_site_gen.label_atom_id 
_struct_site_gen.label_alt_id 
_struct_site_gen.symmetry 
_struct_site_gen.details 
1  AC1 15 C   A 2 ? C   A 2  . ? 1_555 ? 
2  AC1 15 DI  A 3 ? DI  A 3  . ? 1_555 ? 
3  AC1 15 DI  A 3 ? DI  A 3  . ? 6_555 ? 
4  AC1 15 DC  A 4 ? DC  A 4  . ? 6_555 ? 
5  AC1 15 DI  A 5 ? DI  A 5  . ? 6_555 ? 
6  AC1 15 DC  A 6 ? DC  A 6  . ? 6_555 ? 
7  AC1 15 DC  A 6 ? DC  A 6  . ? 8_565 ? 
8  AC1 15 DI  A 7 ? DI  A 7  . ? 6_555 ? 
9  AC1 15 DC  A 8 ? DC  A 8  . ? 6_555 ? 
10 AC1 15 HOH D . ? HOH A 12 . ? 1_555 ? 
11 AC1 15 HOH D . ? HOH A 21 . ? 1_555 ? 
12 AC1 15 HOH D . ? HOH A 33 . ? 1_555 ? 
13 AC1 15 HOH D . ? HOH A 35 . ? 1_555 ? 
14 AC1 15 HOH D . ? HOH A 35 . ? 6_555 ? 
15 AC1 15 HOH D . ? HOH A 39 . ? 1_555 ? 
16 AC2 6  DC  A 6 ? DC  A 6  . ? 1_555 ? 
17 AC2 6  HOH D . ? HOH A 14 . ? 1_555 ? 
18 AC2 6  HOH D . ? HOH A 15 . ? 4_554 ? 
19 AC2 6  HOH D . ? HOH A 16 . ? 4_554 ? 
20 AC2 6  HOH D . ? HOH A 19 . ? 1_555 ? 
21 AC2 6  HOH D . ? HOH A 23 . ? 1_555 ? 
# 
loop_
_pdbx_validate_rmsd_angle.id 
_pdbx_validate_rmsd_angle.PDB_model_num 
_pdbx_validate_rmsd_angle.auth_atom_id_1 
_pdbx_validate_rmsd_angle.auth_asym_id_1 
_pdbx_validate_rmsd_angle.auth_comp_id_1 
_pdbx_validate_rmsd_angle.auth_seq_id_1 
_pdbx_validate_rmsd_angle.PDB_ins_code_1 
_pdbx_validate_rmsd_angle.label_alt_id_1 
_pdbx_validate_rmsd_angle.auth_atom_id_2 
_pdbx_validate_rmsd_angle.auth_asym_id_2 
_pdbx_validate_rmsd_angle.auth_comp_id_2 
_pdbx_validate_rmsd_angle.auth_seq_id_2 
_pdbx_validate_rmsd_angle.PDB_ins_code_2 
_pdbx_validate_rmsd_angle.label_alt_id_2 
_pdbx_validate_rmsd_angle.auth_atom_id_3 
_pdbx_validate_rmsd_angle.auth_asym_id_3 
_pdbx_validate_rmsd_angle.auth_comp_id_3 
_pdbx_validate_rmsd_angle.auth_seq_id_3 
_pdbx_validate_rmsd_angle.PDB_ins_code_3 
_pdbx_validate_rmsd_angle.label_alt_id_3 
_pdbx_validate_rmsd_angle.angle_value 
_pdbx_validate_rmsd_angle.angle_target_value 
_pdbx_validate_rmsd_angle.angle_deviation 
_pdbx_validate_rmsd_angle.angle_standard_deviation 
_pdbx_validate_rmsd_angle.linker_flag 
1 1 "C1'" A C  2 ? ? "O4'" A C  2 ? ? "C4'" A C  2 ? ? 105.07 109.70 -4.63 0.70 N 
2 1 "O4'" A DC 4 ? ? "C1'" A DC 4 ? ? "C2'" A DC 4 ? ? 100.45 105.90 -5.45 0.80 N 
3 1 N1    A DC 4 ? ? C2    A DC 4 ? ? O2    A DC 4 ? ? 123.78 118.90 4.88  0.60 N 
4 1 "O4'" A DC 6 ? ? "C1'" A DC 6 ? ? N1    A DC 6 ? ? 110.52 108.30 2.22  0.30 N 
# 
loop_
_pdbx_validate_planes.id 
_pdbx_validate_planes.PDB_model_num 
_pdbx_validate_planes.auth_comp_id 
_pdbx_validate_planes.auth_asym_id 
_pdbx_validate_planes.auth_seq_id 
_pdbx_validate_planes.PDB_ins_code 
_pdbx_validate_planes.label_alt_id 
_pdbx_validate_planes.rmsd 
_pdbx_validate_planes.type 
1 1 DI A 3 ? ? 0.061 'SIDE CHAIN' 
2 1 DI A 5 ? ? 0.068 'SIDE CHAIN' 
# 
_struct_site_keywords.site_id   1 
_struct_site_keywords.text      'MINOR GROOVE BINDER' 
# 
loop_
_refine_B_iso.class 
_refine_B_iso.details 
_refine_B_iso.treatment 
_refine_B_iso.pdbx_refine_id 
'ALL ATOMS'  TR isotropic 'X-RAY DIFFRACTION' 
'ALL WATERS' TR isotropic 'X-RAY DIFFRACTION' 
# 
loop_
_refine_occupancy.class 
_refine_occupancy.treatment 
_refine_occupancy.pdbx_refine_id 
'ALL ATOMS'  fix 'X-RAY DIFFRACTION' 
'ALL WATERS' fix 'X-RAY DIFFRACTION' 
# 
loop_
_chem_comp_atom.comp_id 
_chem_comp_atom.atom_id 
_chem_comp_atom.type_symbol 
_chem_comp_atom.pdbx_aromatic_flag 
_chem_comp_atom.pdbx_stereo_config 
_chem_comp_atom.pdbx_ordinal 
C   OP3    O  N N 1   
C   P      P  N N 2   
C   OP1    O  N N 3   
C   OP2    O  N N 4   
C   "O5'"  O  N N 5   
C   "C5'"  C  N N 6   
C   "C4'"  C  N R 7   
C   "O4'"  O  N N 8   
C   "C3'"  C  N S 9   
C   "O3'"  O  N N 10  
C   "C2'"  C  N R 11  
C   "O2'"  O  N N 12  
C   "C1'"  C  N R 13  
C   N1     N  N N 14  
C   C2     C  N N 15  
C   O2     O  N N 16  
C   N3     N  N N 17  
C   C4     C  N N 18  
C   N4     N  N N 19  
C   C5     C  N N 20  
C   C6     C  N N 21  
C   HOP3   H  N N 22  
C   HOP2   H  N N 23  
C   "H5'"  H  N N 24  
C   "H5''" H  N N 25  
C   "H4'"  H  N N 26  
C   "H3'"  H  N N 27  
C   "HO3'" H  N N 28  
C   "H2'"  H  N N 29  
C   "HO2'" H  N N 30  
C   "H1'"  H  N N 31  
C   H41    H  N N 32  
C   H42    H  N N 33  
C   H5     H  N N 34  
C   H6     H  N N 35  
DC  OP3    O  N N 36  
DC  P      P  N N 37  
DC  OP1    O  N N 38  
DC  OP2    O  N N 39  
DC  "O5'"  O  N N 40  
DC  "C5'"  C  N N 41  
DC  "C4'"  C  N R 42  
DC  "O4'"  O  N N 43  
DC  "C3'"  C  N S 44  
DC  "O3'"  O  N N 45  
DC  "C2'"  C  N N 46  
DC  "C1'"  C  N R 47  
DC  N1     N  N N 48  
DC  C2     C  N N 49  
DC  O2     O  N N 50  
DC  N3     N  N N 51  
DC  C4     C  N N 52  
DC  N4     N  N N 53  
DC  C5     C  N N 54  
DC  C6     C  N N 55  
DC  HOP3   H  N N 56  
DC  HOP2   H  N N 57  
DC  "H5'"  H  N N 58  
DC  "H5''" H  N N 59  
DC  "H4'"  H  N N 60  
DC  "H3'"  H  N N 61  
DC  "HO3'" H  N N 62  
DC  "H2'"  H  N N 63  
DC  "H2''" H  N N 64  
DC  "H1'"  H  N N 65  
DC  H41    H  N N 66  
DC  H42    H  N N 67  
DC  H5     H  N N 68  
DC  H6     H  N N 69  
DI  OP3    O  N N 70  
DI  P      P  N N 71  
DI  OP1    O  N N 72  
DI  OP2    O  N N 73  
DI  "O5'"  O  N N 74  
DI  "C5'"  C  N N 75  
DI  "C4'"  C  N R 76  
DI  "O4'"  O  N N 77  
DI  "C3'"  C  N S 78  
DI  "O3'"  O  N N 79  
DI  "C2'"  C  N N 80  
DI  "C1'"  C  N R 81  
DI  N9     N  Y N 82  
DI  C8     C  Y N 83  
DI  N7     N  Y N 84  
DI  C5     C  Y N 85  
DI  C6     C  N N 86  
DI  O6     O  N N 87  
DI  N1     N  N N 88  
DI  C2     C  N N 89  
DI  N3     N  N N 90  
DI  C4     C  Y N 91  
DI  HOP3   H  N N 92  
DI  HOP2   H  N N 93  
DI  "H5'"  H  N N 94  
DI  "H5''" H  N N 95  
DI  "H4'"  H  N N 96  
DI  "H3'"  H  N N 97  
DI  "HO3'" H  N N 98  
DI  "H2'"  H  N N 99  
DI  "H2''" H  N N 100 
DI  "H1'"  H  N N 101 
DI  H8     H  N N 102 
DI  H1     H  N N 103 
DI  H2     H  N N 104 
DMY C1     C  N N 105 
DMY O1     O  N N 106 
DMY N1     N  N N 107 
DMY C2     C  Y N 108 
DMY C3     C  Y N 109 
DMY C4     C  Y N 110 
DMY N2     N  Y N 111 
DMY C5     C  Y N 112 
DMY C6     C  N N 113 
DMY C7     C  N N 114 
DMY O2     O  N N 115 
DMY N3     N  N N 116 
DMY C8     C  Y N 117 
DMY C9     C  Y N 118 
DMY C10    C  Y N 119 
DMY N4     N  Y N 120 
DMY C11    C  Y N 121 
DMY C12    C  N N 122 
DMY C13    C  N N 123 
DMY O3     O  N N 124 
DMY N5     N  N N 125 
DMY C14    C  Y N 126 
DMY C15    C  Y N 127 
DMY C16    C  Y N 128 
DMY N6     N  Y N 129 
DMY C17    C  Y N 130 
DMY C18    C  N N 131 
DMY C19    C  N N 132 
DMY O4     O  N N 133 
DMY N7     N  N N 134 
DMY C20    C  N N 135 
DMY C21    C  N N 136 
DMY C22    C  N N 137 
DMY N8     N  N N 138 
DMY N9     N  N N 139 
DMY H1     H  N N 140 
DMY HN1    H  N N 141 
DMY H3     H  N N 142 
DMY H5     H  N N 143 
DMY H61    H  N N 144 
DMY H62    H  N N 145 
DMY H63    H  N N 146 
DMY HN3    H  N N 147 
DMY H9     H  N N 148 
DMY H11    H  N N 149 
DMY H121   H  N N 150 
DMY H122   H  N N 151 
DMY H123   H  N N 152 
DMY HN5    H  N N 153 
DMY H15    H  N N 154 
DMY H17    H  N N 155 
DMY H181   H  N N 156 
DMY H182   H  N N 157 
DMY H183   H  N N 158 
DMY HN7    H  N N 159 
DMY H201   H  N N 160 
DMY H202   H  N N 161 
DMY H211   H  N N 162 
DMY H212   H  N N 163 
DMY HN8    H  N N 164 
DMY HN91   H  N N 165 
DMY HN92   H  N N 166 
HOH O      O  N N 167 
HOH H1     H  N N 168 
HOH H2     H  N N 169 
MG  MG     MG N N 170 
# 
loop_
_chem_comp_bond.comp_id 
_chem_comp_bond.atom_id_1 
_chem_comp_bond.atom_id_2 
_chem_comp_bond.value_order 
_chem_comp_bond.pdbx_aromatic_flag 
_chem_comp_bond.pdbx_stereo_config 
_chem_comp_bond.pdbx_ordinal 
C   OP3   P      sing N N 1   
C   OP3   HOP3   sing N N 2   
C   P     OP1    doub N N 3   
C   P     OP2    sing N N 4   
C   P     "O5'"  sing N N 5   
C   OP2   HOP2   sing N N 6   
C   "O5'" "C5'"  sing N N 7   
C   "C5'" "C4'"  sing N N 8   
C   "C5'" "H5'"  sing N N 9   
C   "C5'" "H5''" sing N N 10  
C   "C4'" "O4'"  sing N N 11  
C   "C4'" "C3'"  sing N N 12  
C   "C4'" "H4'"  sing N N 13  
C   "O4'" "C1'"  sing N N 14  
C   "C3'" "O3'"  sing N N 15  
C   "C3'" "C2'"  sing N N 16  
C   "C3'" "H3'"  sing N N 17  
C   "O3'" "HO3'" sing N N 18  
C   "C2'" "O2'"  sing N N 19  
C   "C2'" "C1'"  sing N N 20  
C   "C2'" "H2'"  sing N N 21  
C   "O2'" "HO2'" sing N N 22  
C   "C1'" N1     sing N N 23  
C   "C1'" "H1'"  sing N N 24  
C   N1    C2     sing N N 25  
C   N1    C6     sing N N 26  
C   C2    O2     doub N N 27  
C   C2    N3     sing N N 28  
C   N3    C4     doub N N 29  
C   C4    N4     sing N N 30  
C   C4    C5     sing N N 31  
C   N4    H41    sing N N 32  
C   N4    H42    sing N N 33  
C   C5    C6     doub N N 34  
C   C5    H5     sing N N 35  
C   C6    H6     sing N N 36  
DC  OP3   P      sing N N 37  
DC  OP3   HOP3   sing N N 38  
DC  P     OP1    doub N N 39  
DC  P     OP2    sing N N 40  
DC  P     "O5'"  sing N N 41  
DC  OP2   HOP2   sing N N 42  
DC  "O5'" "C5'"  sing N N 43  
DC  "C5'" "C4'"  sing N N 44  
DC  "C5'" "H5'"  sing N N 45  
DC  "C5'" "H5''" sing N N 46  
DC  "C4'" "O4'"  sing N N 47  
DC  "C4'" "C3'"  sing N N 48  
DC  "C4'" "H4'"  sing N N 49  
DC  "O4'" "C1'"  sing N N 50  
DC  "C3'" "O3'"  sing N N 51  
DC  "C3'" "C2'"  sing N N 52  
DC  "C3'" "H3'"  sing N N 53  
DC  "O3'" "HO3'" sing N N 54  
DC  "C2'" "C1'"  sing N N 55  
DC  "C2'" "H2'"  sing N N 56  
DC  "C2'" "H2''" sing N N 57  
DC  "C1'" N1     sing N N 58  
DC  "C1'" "H1'"  sing N N 59  
DC  N1    C2     sing N N 60  
DC  N1    C6     sing N N 61  
DC  C2    O2     doub N N 62  
DC  C2    N3     sing N N 63  
DC  N3    C4     doub N N 64  
DC  C4    N4     sing N N 65  
DC  C4    C5     sing N N 66  
DC  N4    H41    sing N N 67  
DC  N4    H42    sing N N 68  
DC  C5    C6     doub N N 69  
DC  C5    H5     sing N N 70  
DC  C6    H6     sing N N 71  
DI  OP3   P      sing N N 72  
DI  OP3   HOP3   sing N N 73  
DI  P     OP1    doub N N 74  
DI  P     OP2    sing N N 75  
DI  P     "O5'"  sing N N 76  
DI  OP2   HOP2   sing N N 77  
DI  "O5'" "C5'"  sing N N 78  
DI  "C5'" "C4'"  sing N N 79  
DI  "C5'" "H5'"  sing N N 80  
DI  "C5'" "H5''" sing N N 81  
DI  "C4'" "O4'"  sing N N 82  
DI  "C4'" "C3'"  sing N N 83  
DI  "C4'" "H4'"  sing N N 84  
DI  "O4'" "C1'"  sing N N 85  
DI  "C3'" "O3'"  sing N N 86  
DI  "C3'" "C2'"  sing N N 87  
DI  "C3'" "H3'"  sing N N 88  
DI  "O3'" "HO3'" sing N N 89  
DI  "C2'" "C1'"  sing N N 90  
DI  "C2'" "H2'"  sing N N 91  
DI  "C2'" "H2''" sing N N 92  
DI  "C1'" N9     sing N N 93  
DI  "C1'" "H1'"  sing N N 94  
DI  N9    C8     sing Y N 95  
DI  N9    C4     sing Y N 96  
DI  C8    N7     doub Y N 97  
DI  C8    H8     sing N N 98  
DI  N7    C5     sing Y N 99  
DI  C5    C6     sing N N 100 
DI  C5    C4     doub Y N 101 
DI  C6    O6     doub N N 102 
DI  C6    N1     sing N N 103 
DI  N1    C2     sing N N 104 
DI  N1    H1     sing N N 105 
DI  C2    N3     doub N N 106 
DI  C2    H2     sing N N 107 
DI  N3    C4     sing N N 108 
DMY C1    O1     doub N N 109 
DMY C1    N1     sing N N 110 
DMY C1    H1     sing N N 111 
DMY N1    C2     sing N N 112 
DMY N1    HN1    sing N N 113 
DMY C2    C3     sing Y N 114 
DMY C2    C5     doub Y N 115 
DMY C3    C4     doub Y N 116 
DMY C3    H3     sing N N 117 
DMY C4    N2     sing Y N 118 
DMY C4    C7     sing N N 119 
DMY N2    C5     sing Y N 120 
DMY N2    C6     sing N N 121 
DMY C5    H5     sing N N 122 
DMY C6    H61    sing N N 123 
DMY C6    H62    sing N N 124 
DMY C6    H63    sing N N 125 
DMY C7    O2     doub N N 126 
DMY C7    N3     sing N N 127 
DMY N3    C8     sing N N 128 
DMY N3    HN3    sing N N 129 
DMY C8    C9     sing Y N 130 
DMY C8    C11    doub Y N 131 
DMY C9    C10    doub Y N 132 
DMY C9    H9     sing N N 133 
DMY C10   N4     sing Y N 134 
DMY C10   C13    sing N N 135 
DMY N4    C11    sing Y N 136 
DMY N4    C12    sing N N 137 
DMY C11   H11    sing N N 138 
DMY C12   H121   sing N N 139 
DMY C12   H122   sing N N 140 
DMY C12   H123   sing N N 141 
DMY C13   O3     doub N N 142 
DMY C13   N5     sing N N 143 
DMY N5    C14    sing N N 144 
DMY N5    HN5    sing N N 145 
DMY C14   C15    sing Y N 146 
DMY C14   C17    doub Y N 147 
DMY C15   C16    doub Y N 148 
DMY C15   H15    sing N N 149 
DMY C16   N6     sing Y N 150 
DMY C16   C19    sing N N 151 
DMY N6    C17    sing Y N 152 
DMY N6    C18    sing N N 153 
DMY C17   H17    sing N N 154 
DMY C18   H181   sing N N 155 
DMY C18   H182   sing N N 156 
DMY C18   H183   sing N N 157 
DMY C19   O4     doub N N 158 
DMY C19   N7     sing N N 159 
DMY N7    C20    sing N N 160 
DMY N7    HN7    sing N N 161 
DMY C20   C21    sing N N 162 
DMY C20   H201   sing N N 163 
DMY C20   H202   sing N N 164 
DMY C21   C22    sing N N 165 
DMY C21   H211   sing N N 166 
DMY C21   H212   sing N N 167 
DMY C22   N8     doub N N 168 
DMY C22   N9     sing N N 169 
DMY N8    HN8    sing N N 170 
DMY N9    HN91   sing N N 171 
DMY N9    HN92   sing N N 172 
HOH O     H1     sing N N 173 
HOH O     H2     sing N N 174 
# 
_atom_sites.entry_id                    216D 
_atom_sites.Cartn_transform_axes        ? 
_atom_sites.fract_transf_matrix[1][1]   0.02776647 
_atom_sites.fract_transf_matrix[1][2]   0.01707209 
_atom_sites.fract_transf_matrix[1][3]   0.01481530 
_atom_sites.fract_transf_matrix[2][1]   0.01744700 
_atom_sites.fract_transf_matrix[2][2]   -0.03110673 
_atom_sites.fract_transf_matrix[2][3]   0.00314642 
_atom_sites.fract_transf_matrix[3][1]   0.00698444 
_atom_sites.fract_transf_matrix[3][2]   0.00232263 
_atom_sites.fract_transf_matrix[3][3]   -0.01576651 
_atom_sites.fract_transf_vector[1]      0.321191 
_atom_sites.fract_transf_vector[2]      0.010923 
_atom_sites.fract_transf_vector[3]      0.225016 
# 
loop_
_atom_type.symbol 
C  
MG 
N  
O  
P  
# 
loop_
_atom_site.group_PDB 
_atom_site.id 
_atom_site.type_symbol 
_atom_site.label_atom_id 
_atom_site.label_alt_id 
_atom_site.label_comp_id 
_atom_site.label_asym_id 
_atom_site.label_entity_id 
_atom_site.label_seq_id 
_atom_site.pdbx_PDB_ins_code 
_atom_site.Cartn_x 
_atom_site.Cartn_y 
_atom_site.Cartn_z 
_atom_site.occupancy 
_atom_site.B_iso_or_equiv 
_atom_site.pdbx_formal_charge 
_atom_site.auth_seq_id 
_atom_site.auth_comp_id 
_atom_site.auth_asym_id 
_atom_site.auth_atom_id 
_atom_site.pdbx_PDB_model_num 
ATOM   1   O  "O5'" . DI  A 1 1 ? 1.331  -16.436 -7.596  1.00 10.41 ? 1  DI  A "O5'" 1 
ATOM   2   C  "C5'" . DI  A 1 1 ? 0.411  -15.373 -7.290  1.00 9.75  ? 1  DI  A "C5'" 1 
ATOM   3   C  "C4'" . DI  A 1 1 ? 0.088  -15.362 -5.795  1.00 9.31  ? 1  DI  A "C4'" 1 
ATOM   4   O  "O4'" . DI  A 1 1 ? 1.292  -15.026 -5.066  1.00 9.02  ? 1  DI  A "O4'" 1 
ATOM   5   C  "C3'" . DI  A 1 1 ? -0.917 -14.276 -5.546  1.00 9.33  ? 1  DI  A "C3'" 1 
ATOM   6   O  "O3'" . DI  A 1 1 ? -1.658 -14.765 -4.425  1.00 9.55  ? 1  DI  A "O3'" 1 
ATOM   7   C  "C2'" . DI  A 1 1 ? -0.018 -13.094 -5.148  1.00 8.91  ? 1  DI  A "C2'" 1 
ATOM   8   C  "C1'" . DI  A 1 1 ? 1.089  -13.765 -4.371  1.00 8.75  ? 1  DI  A "C1'" 1 
ATOM   9   N  N9    . DI  A 1 1 ? 2.316  -12.938 -4.393  1.00 8.55  ? 1  DI  A N9    1 
ATOM   10  C  C8    . DI  A 1 1 ? 3.084  -12.634 -5.500  1.00 8.55  ? 1  DI  A C8    1 
ATOM   11  N  N7    . DI  A 1 1 ? 4.213  -12.031 -5.217  1.00 8.48  ? 1  DI  A N7    1 
ATOM   12  C  C5    . DI  A 1 1 ? 4.219  -11.941 -3.825  1.00 8.33  ? 1  DI  A C5    1 
ATOM   13  C  C6    . DI  A 1 1 ? 5.133  -11.282 -2.971  1.00 8.23  ? 1  DI  A C6    1 
ATOM   14  O  O6    . DI  A 1 1 ? 6.176  -10.700 -3.266  1.00 8.21  ? 1  DI  A O6    1 
ATOM   15  N  N1    . DI  A 1 1 ? 4.714  -11.297 -1.657  1.00 8.50  ? 1  DI  A N1    1 
ATOM   16  C  C2    . DI  A 1 1 ? 3.535  -11.852 -1.215  1.00 8.19  ? 1  DI  A C2    1 
ATOM   17  N  N3    . DI  A 1 1 ? 2.677  -12.499 -2.004  1.00 8.20  ? 1  DI  A N3    1 
ATOM   18  C  C4    . DI  A 1 1 ? 3.062  -12.482 -3.305  1.00 8.36  ? 1  DI  A C4    1 
ATOM   19  P  P     . C   A 1 2 ? -3.041 -14.052 -4.015  1.00 9.89  ? 2  C   A P     1 
ATOM   20  O  OP1   . C   A 1 2 ? -3.749 -14.952 -3.070  1.00 10.05 ? 2  C   A OP1   1 
ATOM   21  O  OP2   . C   A 1 2 ? -3.696 -13.570 -5.239  1.00 10.35 ? 2  C   A OP2   1 
ATOM   22  O  "O5'" . C   A 1 2 ? -2.592 -12.741 -3.199  1.00 9.90  ? 2  C   A "O5'" 1 
ATOM   23  C  "C5'" . C   A 1 2 ? -2.324 -12.754 -1.787  1.00 9.85  ? 2  C   A "C5'" 1 
ATOM   24  C  "C4'" . C   A 1 2 ? -1.847 -11.404 -1.284  1.00 9.86  ? 2  C   A "C4'" 1 
ATOM   25  O  "O4'" . C   A 1 2 ? -0.546 -11.149 -1.846  1.00 9.57  ? 2  C   A "O4'" 1 
ATOM   26  C  "C3'" . C   A 1 2 ? -2.779 -10.303 -1.880  1.00 10.11 ? 2  C   A "C3'" 1 
ATOM   27  O  "O3'" . C   A 1 2 ? -3.021 -9.387  -0.802  1.00 10.89 ? 2  C   A "O3'" 1 
ATOM   28  C  "C2'" . C   A 1 2 ? -1.866 -9.634  -2.912  1.00 9.67  ? 2  C   A "C2'" 1 
ATOM   29  O  "O2'" . C   A 1 2 ? -2.235 -8.279  -3.215  1.00 9.53  ? 2  C   A "O2'" 1 
ATOM   30  C  "C1'" . C   A 1 2 ? -0.551 -9.755  -2.179  1.00 9.39  ? 2  C   A "C1'" 1 
ATOM   31  N  N1    . C   A 1 2 ? 0.630  -9.354  -2.983  1.00 8.92  ? 2  C   A N1    1 
ATOM   32  C  C2    . C   A 1 2 ? 1.739  -8.867  -2.284  1.00 8.73  ? 2  C   A C2    1 
ATOM   33  O  O2    . C   A 1 2 ? 1.732  -8.715  -1.054  1.00 8.59  ? 2  C   A O2    1 
ATOM   34  N  N3    . C   A 1 2 ? 2.870  -8.575  -2.996  1.00 8.46  ? 2  C   A N3    1 
ATOM   35  C  C4    . C   A 1 2 ? 2.931  -8.783  -4.315  1.00 8.50  ? 2  C   A C4    1 
ATOM   36  N  N4    . C   A 1 2 ? 4.065  -8.485  -4.951  1.00 8.60  ? 2  C   A N4    1 
ATOM   37  C  C5    . C   A 1 2 ? 1.815  -9.330  -5.033  1.00 8.51  ? 2  C   A C5    1 
ATOM   38  C  C6    . C   A 1 2 ? 0.701  -9.615  -4.331  1.00 8.71  ? 2  C   A C6    1 
ATOM   39  P  P     . DI  A 1 3 ? -4.385 -9.532  0.036   1.00 11.40 ? 3  DI  A P     1 
ATOM   40  O  OP1   . DI  A 1 3 ? -4.528 -10.919 0.500   1.00 11.65 ? 3  DI  A OP1   1 
ATOM   41  O  OP2   . DI  A 1 3 ? -5.456 -8.880  -0.743  1.00 11.28 ? 3  DI  A OP2   1 
ATOM   42  O  "O5'" . DI  A 1 3 ? -4.092 -8.617  1.279   1.00 11.11 ? 3  DI  A "O5'" 1 
ATOM   43  C  "C5'" . DI  A 1 3 ? -3.371 -9.019  2.429   1.00 10.98 ? 3  DI  A "C5'" 1 
ATOM   44  C  "C4'" . DI  A 1 3 ? -3.024 -7.803  3.284   1.00 10.85 ? 3  DI  A "C4'" 1 
ATOM   45  O  "O4'" . DI  A 1 3 ? -1.882 -7.140  2.736   1.00 10.75 ? 3  DI  A "O4'" 1 
ATOM   46  C  "C3'" . DI  A 1 3 ? -4.161 -6.766  3.292   1.00 11.00 ? 3  DI  A "C3'" 1 
ATOM   47  O  "O3'" . DI  A 1 3 ? -4.039 -6.169  4.580   1.00 11.67 ? 3  DI  A "O3'" 1 
ATOM   48  C  "C2'" . DI  A 1 3 ? -3.751 -5.773  2.178   1.00 10.68 ? 3  DI  A "C2'" 1 
ATOM   49  C  "C1'" . DI  A 1 3 ? -2.223 -5.840  2.202   1.00 10.38 ? 3  DI  A "C1'" 1 
ATOM   50  N  N9    . DI  A 1 3 ? -1.654 -5.779  0.839   1.00 9.99  ? 3  DI  A N9    1 
ATOM   51  C  C8    . DI  A 1 3 ? -2.070 -6.476  -0.250  1.00 10.09 ? 3  DI  A C8    1 
ATOM   52  N  N7    . DI  A 1 3 ? -1.278 -6.400  -1.286  1.00 9.88  ? 3  DI  A N7    1 
ATOM   53  C  C5    . DI  A 1 3 ? -0.228 -5.632  -0.841  1.00 9.65  ? 3  DI  A C5    1 
ATOM   54  C  C6    . DI  A 1 3 ? 0.964  -5.285  -1.517  1.00 9.61  ? 3  DI  A C6    1 
ATOM   55  O  O6    . DI  A 1 3 ? 1.260  -5.563  -2.679  1.00 9.29  ? 3  DI  A O6    1 
ATOM   56  N  N1    . DI  A 1 3 ? 1.831  -4.557  -0.688  1.00 9.38  ? 3  DI  A N1    1 
ATOM   57  C  C2    . DI  A 1 3 ? 1.548  -4.182  0.606   1.00 9.35  ? 3  DI  A C2    1 
ATOM   58  N  N3    . DI  A 1 3 ? 0.391  -4.488  1.220   1.00 9.53  ? 3  DI  A N3    1 
ATOM   59  C  C4    . DI  A 1 3 ? -0.435 -5.244  0.463   1.00 9.79  ? 3  DI  A C4    1 
ATOM   60  P  P     . DC  A 1 4 ? -4.996 -5.016  5.172   1.00 12.36 ? 4  DC  A P     1 
ATOM   61  O  OP1   . DC  A 1 4 ? -4.912 -5.113  6.661   1.00 12.61 ? 4  DC  A OP1   1 
ATOM   62  O  OP2   . DC  A 1 4 ? -6.276 -5.019  4.460   1.00 12.29 ? 4  DC  A OP2   1 
ATOM   63  O  "O5'" . DC  A 1 4 ? -4.244 -3.659  4.745   1.00 11.79 ? 4  DC  A "O5'" 1 
ATOM   64  C  "C5'" . DC  A 1 4 ? -3.062 -3.197  5.382   1.00 11.07 ? 4  DC  A "C5'" 1 
ATOM   65  C  "C4'" . DC  A 1 4 ? -2.510 -2.003  4.641   1.00 10.65 ? 4  DC  A "C4'" 1 
ATOM   66  O  "O4'" . DC  A 1 4 ? -2.193 -2.468  3.308   1.00 10.47 ? 4  DC  A "O4'" 1 
ATOM   67  C  "C3'" . DC  A 1 4 ? -3.596 -0.955  4.464   1.00 10.46 ? 4  DC  A "C3'" 1 
ATOM   68  O  "O3'" . DC  A 1 4 ? -2.972 0.231   4.924   1.00 10.89 ? 4  DC  A "O3'" 1 
ATOM   69  C  "C2'" . DC  A 1 4 ? -3.715 -0.849  2.950   1.00 10.37 ? 4  DC  A "C2'" 1 
ATOM   70  C  "C1'" . DC  A 1 4 ? -2.349 -1.327  2.495   1.00 10.02 ? 4  DC  A "C1'" 1 
ATOM   71  N  N1    . DC  A 1 4 ? -2.295 -1.776  1.084   1.00 9.73  ? 4  DC  A N1    1 
ATOM   72  C  C2    . DC  A 1 4 ? -1.097 -1.585  0.392   1.00 9.46  ? 4  DC  A C2    1 
ATOM   73  O  O2    . DC  A 1 4 ? -0.136 -0.969  0.846   1.00 9.30  ? 4  DC  A O2    1 
ATOM   74  N  N3    . DC  A 1 4 ? -1.001 -2.084  -0.858  1.00 9.30  ? 4  DC  A N3    1 
ATOM   75  C  C4    . DC  A 1 4 ? -2.048 -2.658  -1.463  1.00 9.25  ? 4  DC  A C4    1 
ATOM   76  N  N4    . DC  A 1 4 ? -1.860 -3.110  -2.704  1.00 9.15  ? 4  DC  A N4    1 
ATOM   77  C  C5    . DC  A 1 4 ? -3.303 -2.821  -0.789  1.00 9.41  ? 4  DC  A C5    1 
ATOM   78  C  C6    . DC  A 1 4 ? -3.347 -2.454  0.510   1.00 9.46  ? 4  DC  A C6    1 
ATOM   79  P  P     . DI  A 1 5 ? -3.477 0.959   6.290   1.00 10.77 ? 5  DI  A P     1 
ATOM   80  O  OP1   . DI  A 1 5 ? -3.425 -0.038  7.391   1.00 11.06 ? 5  DI  A OP1   1 
ATOM   81  O  OP2   . DI  A 1 5 ? -4.751 1.633   6.006   1.00 10.87 ? 5  DI  A OP2   1 
ATOM   82  O  "O5'" . DI  A 1 5 ? -2.342 2.056   6.536   1.00 10.35 ? 5  DI  A "O5'" 1 
ATOM   83  C  "C5'" . DI  A 1 5 ? -0.977 1.697   6.809   1.00 9.65  ? 5  DI  A "C5'" 1 
ATOM   84  C  "C4'" . DI  A 1 5 ? -0.009 2.569   6.048   1.00 9.25  ? 5  DI  A "C4'" 1 
ATOM   85  O  "O4'" . DI  A 1 5 ? -0.186 2.248   4.669   1.00 9.03  ? 5  DI  A "O4'" 1 
ATOM   86  C  "C3'" . DI  A 1 5 ? -0.387 4.032   6.253   1.00 9.02  ? 5  DI  A "C3'" 1 
ATOM   87  O  "O3'" . DI  A 1 5 ? 0.851  4.692   6.480   1.00 9.05  ? 5  DI  A "O3'" 1 
ATOM   88  C  "C2'" . DI  A 1 5 ? -1.019 4.449   4.914   1.00 8.95  ? 5  DI  A "C2'" 1 
ATOM   89  C  "C1'" . DI  A 1 5 ? -0.440 3.436   3.909   1.00 8.78  ? 5  DI  A "C1'" 1 
ATOM   90  N  N9    . DI  A 1 5 ? -1.449 3.084   2.885   1.00 8.60  ? 5  DI  A N9    1 
ATOM   91  C  C8    . DI  A 1 5 ? -2.797 2.863   3.055   1.00 8.44  ? 5  DI  A C8    1 
ATOM   92  N  N7    . DI  A 1 5 ? -3.386 2.319   2.032   1.00 8.43  ? 5  DI  A N7    1 
ATOM   93  C  C5    . DI  A 1 5 ? -2.365 2.201   1.097   1.00 8.44  ? 5  DI  A C5    1 
ATOM   94  C  C6    . DI  A 1 5 ? -2.425 1.722   -0.236  1.00 8.45  ? 5  DI  A C6    1 
ATOM   95  O  O6    . DI  A 1 5 ? -3.397 1.244   -0.807  1.00 8.40  ? 5  DI  A O6    1 
ATOM   96  N  N1    . DI  A 1 5 ? -1.205 1.823   -0.901  1.00 8.33  ? 5  DI  A N1    1 
ATOM   97  C  C2    . DI  A 1 5 ? -0.053 2.333   -0.339  1.00 8.35  ? 5  DI  A C2    1 
ATOM   98  N  N3    . DI  A 1 5 ? 0.012  2.775   0.936   1.00 8.50  ? 5  DI  A N3    1 
ATOM   99  C  C4    . DI  A 1 5 ? -1.175 2.644   1.607   1.00 8.53  ? 5  DI  A C4    1 
ATOM   100 P  P     . DC  A 1 6 ? 0.998  6.262   6.799   1.00 8.97  ? 6  DC  A P     1 
ATOM   101 O  OP1   . DC  A 1 6 ? 2.233  6.465   7.574   1.00 9.25  ? 6  DC  A OP1   1 
ATOM   102 O  OP2   . DC  A 1 6 ? -0.291 6.789   7.304   1.00 9.02  ? 6  DC  A OP2   1 
ATOM   103 O  "O5'" . DC  A 1 6 ? 1.229  6.836   5.311   1.00 9.08  ? 6  DC  A "O5'" 1 
ATOM   104 C  "C5'" . DC  A 1 6 ? 2.382  6.499   4.523   1.00 8.94  ? 6  DC  A "C5'" 1 
ATOM   105 C  "C4'" . DC  A 1 6 ? 2.164  6.883   3.062   1.00 9.11  ? 6  DC  A "C4'" 1 
ATOM   106 O  "O4'" . DC  A 1 6 ? 1.005  6.193   2.621   1.00 8.98  ? 6  DC  A "O4'" 1 
ATOM   107 C  "C3'" . DC  A 1 6 ? 1.796  8.345   2.984   1.00 9.39  ? 6  DC  A "C3'" 1 
ATOM   108 O  "O3'" . DC  A 1 6 ? 3.005  8.909   2.503   1.00 9.99  ? 6  DC  A "O3'" 1 
ATOM   109 C  "C2'" . DC  A 1 6 ? 0.718  8.380   1.913   1.00 9.11  ? 6  DC  A "C2'" 1 
ATOM   110 C  "C1'" . DC  A 1 6 ? 0.569  6.935   1.481   1.00 8.87  ? 6  DC  A "C1'" 1 
ATOM   111 N  N1    . DC  A 1 6 ? -0.828 6.586   1.138   1.00 8.68  ? 6  DC  A N1    1 
ATOM   112 C  C2    . DC  A 1 6 ? -1.061 5.997   -0.104  1.00 8.57  ? 6  DC  A C2    1 
ATOM   113 O  O2    . DC  A 1 6 ? -0.179 5.933   -0.955  1.00 8.22  ? 6  DC  A O2    1 
ATOM   114 N  N3    . DC  A 1 6 ? -2.295 5.475   -0.374  1.00 8.43  ? 6  DC  A N3    1 
ATOM   115 C  C4    . DC  A 1 6 ? -3.274 5.519   0.543   1.00 8.50  ? 6  DC  A C4    1 
ATOM   116 N  N4    . DC  A 1 6 ? -4.488 5.077   0.217   1.00 8.36  ? 6  DC  A N4    1 
ATOM   117 C  C5    . DC  A 1 6 ? -3.045 6.104   1.835   1.00 8.59  ? 6  DC  A C5    1 
ATOM   118 C  C6    . DC  A 1 6 ? -1.824 6.636   2.073   1.00 8.77  ? 6  DC  A C6    1 
ATOM   119 P  P     . DI  A 1 7 ? 3.229  10.475  2.199   1.00 10.65 ? 7  DI  A P     1 
ATOM   120 O  OP1   . DI  A 1 7 ? 4.689  10.670  2.236   1.00 11.01 ? 7  DI  A OP1   1 
ATOM   121 O  OP2   . DI  A 1 7 ? 2.361  11.300  3.062   1.00 10.96 ? 7  DI  A OP2   1 
ATOM   122 O  "O5'" . DI  A 1 7 ? 2.708  10.699  0.688   1.00 10.14 ? 7  DI  A "O5'" 1 
ATOM   123 C  "C5'" . DI  A 1 7 ? 3.297  10.047  -0.432  1.00 9.61  ? 7  DI  A "C5'" 1 
ATOM   124 C  "C4'" . DI  A 1 7 ? 2.379  10.120  -1.630  1.00 9.25  ? 7  DI  A "C4'" 1 
ATOM   125 O  "O4'" . DI  A 1 7 ? 1.146  9.477   -1.304  1.00 8.96  ? 7  DI  A "O4'" 1 
ATOM   126 C  "C3'" . DI  A 1 7 ? 2.062  11.576  -1.938  1.00 9.35  ? 7  DI  A "C3'" 1 
ATOM   127 O  "O3'" . DI  A 1 7 ? 2.381  11.583  -3.323  1.00 9.89  ? 7  DI  A "O3'" 1 
ATOM   128 C  "C2'" . DI  A 1 7 ? 0.564  11.674  -1.742  1.00 8.97  ? 7  DI  A "C2'" 1 
ATOM   129 C  "C1'" . DI  A 1 7 ? 0.082  10.233  -1.905  1.00 8.59  ? 7  DI  A "C1'" 1 
ATOM   130 N  N9    . DI  A 1 7 ? -1.129 9.974   -1.089  1.00 8.41  ? 7  DI  A N9    1 
ATOM   131 C  C8    . DI  A 1 7 ? -1.392 10.362  0.212   1.00 8.19  ? 7  DI  A C8    1 
ATOM   132 N  N7    . DI  A 1 7 ? -2.509 9.880   0.696   1.00 8.03  ? 7  DI  A N7    1 
ATOM   133 C  C5    . DI  A 1 7 ? -3.047 9.144   -0.374  1.00 7.89  ? 7  DI  A C5    1 
ATOM   134 C  C6    . DI  A 1 7 ? -4.319 8.470   -0.497  1.00 7.82  ? 7  DI  A C6    1 
ATOM   135 O  O6    . DI  A 1 7 ? -5.218 8.345   0.331   1.00 7.54  ? 7  DI  A O6    1 
ATOM   136 N  N1    . DI  A 1 7 ? -4.456 7.865   -1.735  1.00 7.46  ? 7  DI  A N1    1 
ATOM   137 C  C2    . DI  A 1 7 ? -3.541 7.940   -2.755  1.00 7.66  ? 7  DI  A C2    1 
ATOM   138 N  N3    . DI  A 1 7 ? -2.380 8.586   -2.659  1.00 7.81  ? 7  DI  A N3    1 
ATOM   139 C  C4    . DI  A 1 7 ? -2.184 9.154   -1.442  1.00 8.08  ? 7  DI  A C4    1 
ATOM   140 P  P     . DC  A 1 8 ? 2.323  12.926  -4.207  1.00 10.31 ? 8  DC  A P     1 
ATOM   141 O  OP1   . DC  A 1 8 ? 3.426  12.814  -5.203  1.00 10.52 ? 8  DC  A OP1   1 
ATOM   142 O  OP2   . DC  A 1 8 ? 2.200  14.122  -3.345  1.00 10.27 ? 8  DC  A OP2   1 
ATOM   143 O  "O5'" . DC  A 1 8 ? 0.920  12.800  -4.963  1.00 9.98  ? 8  DC  A "O5'" 1 
ATOM   144 C  "C5'" . DC  A 1 8 ? 0.696  11.844  -5.999  1.00 9.30  ? 8  DC  A "C5'" 1 
ATOM   145 C  "C4'" . DC  A 1 8 ? -0.736 11.863  -6.496  1.00 8.88  ? 8  DC  A "C4'" 1 
ATOM   146 O  "O4'" . DC  A 1 8 ? -1.520 11.469  -5.374  1.00 8.47  ? 8  DC  A "O4'" 1 
ATOM   147 C  "C3'" . DC  A 1 8 ? -1.146 13.317  -6.837  1.00 8.61  ? 8  DC  A "C3'" 1 
ATOM   148 O  "O3'" . DC  A 1 8 ? -1.603 13.388  -8.184  1.00 8.69  ? 8  DC  A "O3'" 1 
ATOM   149 C  "C2'" . DC  A 1 8 ? -2.251 13.598  -5.830  1.00 8.51  ? 8  DC  A "C2'" 1 
ATOM   150 C  "C1'" . DC  A 1 8 ? -2.734 12.179  -5.494  1.00 8.18  ? 8  DC  A "C1'" 1 
ATOM   151 N  N1    . DC  A 1 8 ? -3.382 12.075  -4.177  1.00 7.73  ? 8  DC  A N1    1 
ATOM   152 C  C2    . DC  A 1 8 ? -4.599 11.403  -4.114  1.00 7.66  ? 8  DC  A C2    1 
ATOM   153 O  O2    . DC  A 1 8 ? -5.121 10.900  -5.109  1.00 7.77  ? 8  DC  A O2    1 
ATOM   154 N  N3    . DC  A 1 8 ? -5.212 11.274  -2.909  1.00 7.40  ? 8  DC  A N3    1 
ATOM   155 C  C4    . DC  A 1 8 ? -4.652 11.773  -1.803  1.00 7.29  ? 8  DC  A C4    1 
ATOM   156 N  N4    . DC  A 1 8 ? -5.304 11.597  -0.649  1.00 7.21  ? 8  DC  A N4    1 
ATOM   157 C  C5    . DC  A 1 8 ? -3.394 12.482  -1.843  1.00 7.35  ? 8  DC  A C5    1 
ATOM   158 C  C6    . DC  A 1 8 ? -2.789 12.597  -3.047  1.00 7.51  ? 8  DC  A C6    1 
HETATM 159 C  C1    . DMY B 2 . ? 1.915  4.456   -5.954  1.00 8.55  ? 9  DMY A C1    1 
HETATM 160 O  O1    . DMY B 2 . ? 2.608  5.180   -6.664  1.00 8.70  ? 9  DMY A O1    1 
HETATM 161 N  N1    . DMY B 2 . ? 2.291  3.842   -4.819  1.00 8.28  ? 9  DMY A N1    1 
HETATM 162 C  C2    . DMY B 2 . ? 3.475  3.862   -4.172  1.00 8.27  ? 9  DMY A C2    1 
HETATM 163 C  C3    . DMY B 2 . ? 3.748  3.179   -2.976  1.00 8.20  ? 9  DMY A C3    1 
HETATM 164 C  C4    . DMY B 2 . ? 5.058  3.495   -2.598  1.00 8.27  ? 9  DMY A C4    1 
HETATM 165 N  N2    . DMY B 2 . ? 5.556  4.340   -3.529  1.00 8.36  ? 9  DMY A N2    1 
HETATM 166 C  C5    . DMY B 2 . ? 4.653  4.574   -4.478  1.00 8.29  ? 9  DMY A C5    1 
HETATM 167 C  C6    . DMY B 2 . ? 6.961  4.959   -3.563  1.00 8.32  ? 9  DMY A C6    1 
HETATM 168 C  C7    . DMY B 2 . ? 5.706  3.063   -1.405  1.00 8.29  ? 9  DMY A C7    1 
HETATM 169 O  O2    . DMY B 2 . ? 6.682  3.670   -0.953  1.00 8.53  ? 9  DMY A O2    1 
HETATM 170 N  N3    . DMY B 2 . ? 5.208  1.944   -0.829  1.00 8.24  ? 9  DMY A N3    1 
HETATM 171 C  C8    . DMY B 2 . ? 5.553  1.478   0.394   1.00 8.15  ? 9  DMY A C8    1 
HETATM 172 C  C9    . DMY B 2 . ? 5.069  0.319   1.027   1.00 8.17  ? 9  DMY A C9    1 
HETATM 173 C  C10   . DMY B 2 . ? 5.700  0.209   2.274   1.00 8.21  ? 9  DMY A C10   1 
HETATM 174 N  N4    . DMY B 2 . ? 6.512  1.274   2.407   1.00 8.23  ? 9  DMY A N4    1 
HETATM 175 C  C11   . DMY B 2 . ? 6.455  2.028   1.326   1.00 8.27  ? 9  DMY A C11   1 
HETATM 176 C  C12   . DMY B 2 . ? 7.420  1.673   3.574   1.00 8.23  ? 9  DMY A C12   1 
HETATM 177 C  C13   . DMY B 2 . ? 5.435  -0.782  3.272   1.00 8.24  ? 9  DMY A C13   1 
HETATM 178 O  O3    . DMY B 2 . ? 5.740  -0.592  4.450   1.00 8.43  ? 9  DMY A O3    1 
HETATM 179 N  N5    . DMY B 2 . ? 4.918  -1.950  2.846   1.00 8.13  ? 9  DMY A N5    1 
HETATM 180 C  C14   . DMY B 2 . ? 4.461  -2.971  3.611   1.00 8.17  ? 9  DMY A C14   1 
HETATM 181 C  C15   . DMY B 2 . ? 3.958  -4.188  3.144   1.00 8.32  ? 9  DMY A C15   1 
HETATM 182 C  C16   . DMY B 2 . ? 3.578  -4.955  4.265   1.00 8.50  ? 9  DMY A C16   1 
HETATM 183 N  N6    . DMY B 2 . ? 3.851  -4.223  5.370   1.00 8.48  ? 9  DMY A N6    1 
HETATM 184 C  C17   . DMY B 2 . ? 4.356  -3.054  5.021   1.00 8.41  ? 9  DMY A C17   1 
HETATM 185 C  C18   . DMY B 2 . ? 3.564  -4.610  6.838   1.00 8.54  ? 9  DMY A C18   1 
HETATM 186 C  C19   . DMY B 2 . ? 2.895  -6.217  4.220   1.00 8.67  ? 9  DMY A C19   1 
HETATM 187 O  O4    . DMY B 2 . ? 2.153  -6.649  5.126   1.00 8.91  ? 9  DMY A O4    1 
HETATM 188 N  N7    . DMY B 2 . ? 3.134  -6.921  3.102   1.00 8.58  ? 9  DMY A N7    1 
HETATM 189 C  C20   . DMY B 2 . ? 2.571  -8.247  2.894   1.00 8.46  ? 9  DMY A C20   1 
HETATM 190 C  C21   . DMY B 2 . ? 1.133  -8.221  2.407   1.00 8.54  ? 9  DMY A C21   1 
HETATM 191 C  C22   . DMY B 2 . ? 0.606  -9.637  2.252   1.00 8.65  ? 9  DMY A C22   1 
HETATM 192 N  N8    . DMY B 2 . ? 0.131  -10.284 3.313   1.00 8.73  ? 9  DMY A N8    1 
HETATM 193 N  N9    . DMY B 2 . ? 0.655  -10.230 1.061   1.00 8.55  ? 9  DMY A N9    1 
HETATM 194 MG MG    . MG  C 3 . ? -2.148 7.480   7.601   1.00 11.51 ? 10 MG  A MG    1 
HETATM 195 O  O     . HOH D 4 . ? -1.861 -2.037  8.540   1.00 17.22 ? 11 HOH A O     1 
HETATM 196 O  O     . HOH D 4 . ? 1.061  -13.038 0.388   1.00 9.44  ? 12 HOH A O     1 
HETATM 197 O  O     . HOH D 4 . ? 4.051  -15.545 -7.487  1.00 12.93 ? 13 HOH A O     1 
HETATM 198 O  O     . HOH D 4 . ? -1.930 7.387   9.672   1.00 7.85  ? 14 HOH A O     1 
HETATM 199 O  O     . HOH D 4 . ? 8.297  -10.596 -5.093  1.00 9.36  ? 15 HOH A O     1 
HETATM 200 O  O     . HOH D 4 . ? 6.097  -11.092 -7.004  1.00 10.13 ? 16 HOH A O     1 
HETATM 201 O  O     . HOH D 4 . ? 4.978  -8.630  -7.894  1.00 12.74 ? 17 HOH A O     1 
HETATM 202 O  O     . HOH D 4 . ? -5.706 -1.388  8.553   1.00 18.82 ? 18 HOH A O     1 
HETATM 203 O  O     . HOH D 4 . ? -1.313 9.473   7.616   1.00 10.58 ? 19 HOH A O     1 
HETATM 204 O  O     . HOH D 4 . ? -6.152 9.566   2.737   1.00 20.79 ? 20 HOH A O     1 
HETATM 205 O  O     . HOH D 4 . ? 4.912  5.548   -8.179  1.00 19.56 ? 21 HOH A O     1 
HETATM 206 O  O     . HOH D 4 . ? -3.605 12.608  1.589   1.00 16.35 ? 22 HOH A O     1 
HETATM 207 O  O     . HOH D 4 . ? -2.636 7.743   5.523   1.00 12.49 ? 23 HOH A O     1 
HETATM 208 O  O     . HOH D 4 . ? -2.232 9.767   3.768   1.00 19.01 ? 24 HOH A O     1 
HETATM 209 O  O     . HOH D 4 . ? -3.059 -13.312 1.873   1.00 32.45 ? 25 HOH A O     1 
HETATM 210 O  O     . HOH D 4 . ? -0.355 12.008  3.369   1.00 42.78 ? 26 HOH A O     1 
HETATM 211 O  O     . HOH D 4 . ? -0.334 -6.198  -4.906  1.00 27.25 ? 27 HOH A O     1 
HETATM 212 O  O     . HOH D 4 . ? 5.239  5.757   7.519   1.00 49.08 ? 28 HOH A O     1 
HETATM 213 O  O     . HOH D 4 . ? -0.434 15.026  -2.264  1.00 25.99 ? 29 HOH A O     1 
HETATM 214 O  O     . HOH D 4 . ? 6.211  8.534   3.949   1.00 38.62 ? 30 HOH A O     1 
HETATM 215 O  O     . HOH D 4 . ? 0.935  -17.165 -10.399 1.00 36.05 ? 31 HOH A O     1 
HETATM 216 O  O     . HOH D 4 . ? 1.225  10.736  7.548   1.00 41.85 ? 32 HOH A O     1 
HETATM 217 O  O     . HOH D 4 . ? 6.627  -0.501  7.048   1.00 30.61 ? 33 HOH A O     1 
HETATM 218 O  O     . HOH D 4 . ? -6.286 5.243   2.953   1.00 11.08 ? 34 HOH A O     1 
HETATM 219 O  O     . HOH D 4 . ? -0.282 -5.082  5.689   1.00 30.63 ? 35 HOH A O     1 
HETATM 220 O  O     . HOH D 4 . ? -1.739 16.038  -9.343  1.00 25.56 ? 36 HOH A O     1 
HETATM 221 O  O     . HOH D 4 . ? -4.047 -4.738  -3.877  1.00 22.30 ? 37 HOH A O     1 
HETATM 222 O  O     . HOH D 4 . ? -6.203 2.367   2.049   1.00 28.63 ? 38 HOH A O     1 
HETATM 223 O  O     . HOH D 4 . ? 9.217  4.477   0.001   1.00 39.02 ? 39 HOH A O     1 
HETATM 224 O  O     . HOH D 4 . ? -4.990 -17.329 -3.835  1.00 45.31 ? 40 HOH A O     1 
HETATM 225 O  O     . HOH D 4 . ? -5.961 0.349   -0.066  1.00 24.46 ? 41 HOH A O     1 
HETATM 226 O  O     . HOH D 4 . ? 8.217  -7.918  -7.595  1.00 22.39 ? 42 HOH A O     1 
HETATM 227 O  O     . HOH D 4 . ? -1.030 13.883  1.089   1.00 45.46 ? 43 HOH A O     1 
HETATM 228 O  O     . HOH D 4 . ? -3.670 -11.651 -7.548  1.00 43.08 ? 44 HOH A O     1 
HETATM 229 O  O     . HOH D 4 . ? 4.899  7.947   -9.824  1.00 42.67 ? 45 HOH A O     1 
HETATM 230 O  O     . HOH D 4 . ? -2.017 -6.687  7.300   1.00 43.22 ? 46 HOH A O     1 
HETATM 231 O  O     . HOH D 4 . ? -5.693 -5.807  -1.207  1.00 56.90 ? 47 HOH A O     1 
HETATM 232 O  O     . HOH D 4 . ? -4.798 -8.007  -4.624  1.00 53.32 ? 48 HOH A O     1 
HETATM 233 O  O     . HOH D 4 . ? 0.788  13.654  6.797   1.00 43.45 ? 49 HOH A O     1 
HETATM 234 O  O     . HOH D 4 . ? 5.508  10.813  -5.171  1.00 42.96 ? 50 HOH A O     1 
HETATM 235 O  O     . HOH D 4 . ? 4.130  8.661   7.281   1.00 45.99 ? 51 HOH A O     1 
HETATM 236 O  O     . HOH D 4 . ? -7.405 0.739   5.482   1.00 41.48 ? 52 HOH A O     1 
HETATM 237 O  O     . HOH D 4 . ? 3.031  16.891  -3.875  1.00 55.91 ? 53 HOH A O     1 
# 
